data_1EVZ
#
_entry.id   1EVZ
#
_cell.length_a   69.850
_cell.length_b   69.850
_cell.length_c   211.880
_cell.angle_alpha   90.00
_cell.angle_beta   90.00
_cell.angle_gamma   90.00
#
_symmetry.space_group_name_H-M   'P 41 21 2'
#
loop_
_entity.id
_entity.type
_entity.pdbx_description
1 polymer 'GLYCEROL-3-PHOSPHATE DEHYDROGENASE'
2 non-polymer NICOTINAMIDE-ADENINE-DINUCLEOTIDE
3 non-polymer PENTADECANE
4 water water
#
_entity_poly.entity_id   1
_entity_poly.type   'polypeptide(L)'
_entity_poly.pdbx_seq_one_letter_code
;MSTKQHSAKDELLYLNKAVVFGSGAFGTALAMVLSKKCREVCVWHMNEEEVRLVNEKRENVLFLKGVQLASNITFTSDVE
KAYNGAEIILFVIPTQFLRGFFEKSGGNLIAYAKEKQVPVLVCTKGIERSTLKFPAEIIGEFLPSPLLSVLAGPSFAIEV
ATGVFTCVSIASADINVARRLQRIMSTGDRSFVCWATTDTVGCEVASAVKNVLAIGSGVANGLGMGLNARAALIMRGLLE
IRDLTAALGGDGSAVFGLAGLGDLQLTCSSELSRNFTVGKKLGKGLPIEEIQRTSKAVAEGVATADPLMRLAKQLKVKMP
LCHQIYEIVYKKKNPRDALADLLSCGLQDEGLPPLFKRSASTPSKL
;
_entity_poly.pdbx_strand_id   A
#
loop_
_chem_comp.id
_chem_comp.type
_chem_comp.name
_chem_comp.formula
MYS non-polymer PENTADECANE 'C15 H32'
NAD non-polymer NICOTINAMIDE-ADENINE-DINUCLEOTIDE 'C21 H27 N7 O14 P2'
#
# COMPACT_ATOMS: atom_id res chain seq x y z
N LYS A 9 20.33 8.71 -12.87
CA LYS A 9 20.64 8.08 -14.19
C LYS A 9 19.38 7.53 -14.84
N ASP A 10 19.29 7.68 -16.15
CA ASP A 10 18.13 7.22 -16.92
C ASP A 10 18.36 5.86 -17.58
N GLU A 11 19.42 5.17 -17.17
CA GLU A 11 19.75 3.84 -17.69
C GLU A 11 19.45 2.82 -16.61
N LEU A 12 18.71 1.77 -16.97
CA LEU A 12 18.33 0.73 -16.02
C LEU A 12 19.45 -0.12 -15.43
N LEU A 13 19.06 -0.97 -14.49
CA LEU A 13 19.95 -1.89 -13.80
C LEU A 13 19.26 -3.25 -13.76
N TYR A 14 19.98 -4.29 -14.15
CA TYR A 14 19.42 -5.63 -14.12
C TYR A 14 20.15 -6.39 -13.04
N LEU A 15 19.49 -7.37 -12.44
CA LEU A 15 20.12 -8.14 -11.38
C LEU A 15 20.09 -9.63 -11.68
N ASN A 16 20.76 -10.41 -10.82
CA ASN A 16 20.77 -11.85 -10.98
C ASN A 16 19.64 -12.45 -10.16
N LYS A 17 19.49 -11.99 -8.93
CA LYS A 17 18.42 -12.51 -8.08
C LYS A 17 17.72 -11.41 -7.32
N ALA A 18 16.46 -11.66 -7.01
CA ALA A 18 15.65 -10.72 -6.28
C ALA A 18 14.65 -11.56 -5.51
N VAL A 19 14.48 -11.27 -4.23
CA VAL A 19 13.53 -12.01 -3.43
C VAL A 19 12.34 -11.16 -3.03
N VAL A 20 11.17 -11.78 -3.00
CA VAL A 20 9.95 -11.10 -2.65
C VAL A 20 9.20 -11.87 -1.57
N PHE A 21 9.22 -11.32 -0.36
CA PHE A 21 8.51 -11.96 0.75
C PHE A 21 7.10 -11.40 0.77
N GLY A 22 6.16 -12.24 0.37
CA GLY A 22 4.77 -11.84 0.29
C GLY A 22 4.22 -12.51 -0.96
N SER A 23 3.50 -13.61 -0.77
CA SER A 23 2.97 -14.36 -1.89
C SER A 23 1.57 -13.96 -2.33
N GLY A 24 1.16 -12.74 -2.00
CA GLY A 24 -0.16 -12.30 -2.40
C GLY A 24 -0.17 -11.75 -3.82
N ALA A 25 -1.26 -11.09 -4.19
CA ALA A 25 -1.39 -10.52 -5.51
C ALA A 25 -0.32 -9.49 -5.86
N PHE A 26 -0.20 -8.46 -5.02
CA PHE A 26 0.77 -7.41 -5.30
C PHE A 26 2.21 -7.91 -5.35
N GLY A 27 2.56 -8.79 -4.42
CA GLY A 27 3.91 -9.33 -4.40
C GLY A 27 4.18 -10.12 -5.67
N THR A 28 3.18 -10.91 -6.08
CA THR A 28 3.30 -11.70 -7.31
C THR A 28 3.37 -10.76 -8.51
N ALA A 29 2.51 -9.76 -8.52
CA ALA A 29 2.49 -8.79 -9.60
C ALA A 29 3.86 -8.16 -9.71
N LEU A 30 4.48 -7.91 -8.57
CA LEU A 30 5.82 -7.31 -8.54
C LEU A 30 6.88 -8.30 -8.92
N ALA A 31 6.60 -9.59 -8.71
CA ALA A 31 7.55 -10.65 -9.09
C ALA A 31 7.58 -10.59 -10.61
N MET A 32 6.41 -10.44 -11.19
CA MET A 32 6.26 -10.36 -12.63
C MET A 32 7.08 -9.19 -13.14
N VAL A 33 7.00 -8.06 -12.45
CA VAL A 33 7.76 -6.89 -12.86
C VAL A 33 9.24 -7.24 -12.78
N LEU A 34 9.63 -7.85 -11.67
CA LEU A 34 11.02 -8.22 -11.46
C LEU A 34 11.52 -9.30 -12.42
N SER A 35 10.64 -10.21 -12.82
CA SER A 35 11.04 -11.27 -13.73
C SER A 35 11.69 -10.69 -14.99
N LYS A 36 11.35 -9.44 -15.30
CA LYS A 36 11.90 -8.79 -16.48
C LYS A 36 13.16 -7.96 -16.23
N LYS A 37 13.64 -7.93 -14.99
CA LYS A 37 14.84 -7.18 -14.63
C LYS A 37 15.82 -8.04 -13.83
N CYS A 38 15.34 -9.20 -13.39
CA CYS A 38 16.17 -10.10 -12.61
C CYS A 38 16.25 -11.50 -13.21
N ARG A 39 17.48 -11.97 -13.36
CA ARG A 39 17.74 -13.30 -13.91
C ARG A 39 16.86 -14.33 -13.19
N GLU A 40 16.90 -14.29 -11.85
CA GLU A 40 16.14 -15.22 -11.02
C GLU A 40 15.25 -14.46 -10.02
N VAL A 41 14.07 -15.00 -9.75
CA VAL A 41 13.14 -14.36 -8.81
C VAL A 41 12.38 -15.40 -7.98
N CYS A 42 12.60 -15.38 -6.67
CA CYS A 42 11.92 -16.30 -5.76
C CYS A 42 10.87 -15.51 -5.01
N VAL A 43 9.71 -16.14 -4.79
CA VAL A 43 8.64 -15.50 -4.06
C VAL A 43 8.41 -16.37 -2.84
N TRP A 44 8.67 -15.83 -1.66
CA TRP A 44 8.50 -16.60 -0.44
C TRP A 44 7.04 -16.72 -0.01
N HIS A 45 6.61 -17.95 0.19
CA HIS A 45 5.25 -18.22 0.64
C HIS A 45 5.46 -19.10 1.85
N MET A 46 4.45 -19.24 2.70
CA MET A 46 4.62 -20.05 3.89
C MET A 46 4.20 -21.51 3.75
N ASN A 47 2.99 -21.76 3.27
CA ASN A 47 2.54 -23.15 3.11
C ASN A 47 3.33 -23.86 2.02
N GLU A 48 4.12 -24.87 2.42
CA GLU A 48 4.96 -25.63 1.49
C GLU A 48 4.17 -26.37 0.43
N GLU A 49 3.06 -27.00 0.82
CA GLU A 49 2.26 -27.73 -0.12
C GLU A 49 1.75 -26.78 -1.20
N GLU A 50 1.41 -25.56 -0.80
CA GLU A 50 0.92 -24.55 -1.73
C GLU A 50 2.04 -24.07 -2.65
N VAL A 51 3.21 -23.82 -2.07
CA VAL A 51 4.36 -23.38 -2.86
C VAL A 51 4.56 -24.32 -4.05
N ARG A 52 4.39 -25.61 -3.80
CA ARG A 52 4.53 -26.62 -4.86
C ARG A 52 3.45 -26.44 -5.92
N LEU A 53 2.20 -26.52 -5.49
CA LEU A 53 1.07 -26.36 -6.39
C LEU A 53 1.34 -25.24 -7.39
N VAL A 54 1.56 -24.04 -6.88
CA VAL A 54 1.82 -22.88 -7.71
C VAL A 54 2.93 -23.11 -8.71
N ASN A 55 4.09 -23.56 -8.23
CA ASN A 55 5.22 -23.83 -9.12
C ASN A 55 4.82 -24.84 -10.20
N GLU A 56 3.95 -25.76 -9.84
CA GLU A 56 3.48 -26.77 -10.78
C GLU A 56 2.60 -26.09 -11.83
N LYS A 57 1.55 -25.42 -11.36
CA LYS A 57 0.60 -24.74 -12.25
C LYS A 57 1.18 -23.53 -12.99
N ARG A 58 2.40 -23.13 -12.66
CA ARG A 58 3.04 -21.98 -13.30
C ARG A 58 2.09 -20.80 -13.16
N GLU A 59 1.37 -20.77 -12.04
CA GLU A 59 0.39 -19.73 -11.79
C GLU A 59 0.08 -19.65 -10.30
N ASN A 60 -0.04 -18.42 -9.77
CA ASN A 60 -0.36 -18.24 -8.38
C ASN A 60 -1.88 -18.33 -8.27
N VAL A 61 -2.38 -19.55 -8.31
CA VAL A 61 -3.80 -19.82 -8.24
C VAL A 61 -4.38 -19.37 -6.90
N LEU A 62 -3.50 -19.14 -5.94
CA LEU A 62 -3.90 -18.73 -4.61
C LEU A 62 -4.33 -17.27 -4.53
N PHE A 63 -3.50 -16.37 -5.03
CA PHE A 63 -3.83 -14.96 -4.93
C PHE A 63 -3.83 -14.15 -6.22
N LEU A 64 -3.49 -14.79 -7.33
CA LEU A 64 -3.48 -14.08 -8.61
C LEU A 64 -3.88 -15.04 -9.72
N LYS A 65 -5.06 -15.62 -9.57
CA LYS A 65 -5.57 -16.55 -10.56
C LYS A 65 -5.59 -15.88 -11.93
N GLY A 66 -5.59 -16.71 -12.97
CA GLY A 66 -5.66 -16.19 -14.33
C GLY A 66 -4.40 -15.57 -14.88
N VAL A 67 -3.38 -15.40 -14.05
CA VAL A 67 -2.14 -14.80 -14.53
C VAL A 67 -1.02 -15.82 -14.59
N GLN A 68 -0.55 -16.09 -15.80
CA GLN A 68 0.53 -17.04 -16.01
C GLN A 68 1.85 -16.46 -15.55
N LEU A 69 2.46 -17.11 -14.56
CA LEU A 69 3.73 -16.65 -14.02
C LEU A 69 4.87 -16.87 -14.99
N ALA A 70 5.82 -15.94 -15.01
CA ALA A 70 6.99 -16.07 -15.87
C ALA A 70 7.73 -17.32 -15.39
N SER A 71 8.56 -17.89 -16.25
CA SER A 71 9.29 -19.10 -15.87
C SER A 71 10.38 -18.89 -14.83
N ASN A 72 11.03 -17.72 -14.84
CA ASN A 72 12.11 -17.44 -13.88
C ASN A 72 11.62 -17.04 -12.49
N ILE A 73 10.35 -17.29 -12.23
CA ILE A 73 9.78 -16.98 -10.94
C ILE A 73 9.57 -18.28 -10.21
N THR A 74 10.15 -18.40 -9.03
CA THR A 74 9.98 -19.62 -8.27
C THR A 74 9.49 -19.36 -6.85
N PHE A 75 8.48 -20.11 -6.43
CA PHE A 75 7.95 -19.97 -5.10
C PHE A 75 8.67 -20.94 -4.19
N THR A 76 9.04 -20.47 -3.00
CA THR A 76 9.73 -21.31 -2.03
C THR A 76 9.31 -20.94 -0.64
N SER A 77 9.09 -21.94 0.21
CA SER A 77 8.69 -21.68 1.59
C SER A 77 9.92 -21.65 2.48
N ASP A 78 11.10 -21.72 1.86
CA ASP A 78 12.34 -21.71 2.62
C ASP A 78 13.00 -20.32 2.61
N VAL A 79 12.71 -19.54 3.65
CA VAL A 79 13.26 -18.20 3.76
C VAL A 79 14.73 -18.16 3.40
N GLU A 80 15.48 -19.11 3.92
CA GLU A 80 16.92 -19.19 3.69
C GLU A 80 17.29 -19.28 2.22
N LYS A 81 16.61 -20.16 1.49
CA LYS A 81 16.88 -20.33 0.06
C LYS A 81 16.42 -19.05 -0.62
N ALA A 82 15.18 -18.69 -0.30
CA ALA A 82 14.54 -17.50 -0.85
C ALA A 82 15.46 -16.28 -0.94
N TYR A 83 15.96 -15.83 0.20
CA TYR A 83 16.79 -14.64 0.20
C TYR A 83 18.23 -14.85 -0.25
N ASN A 84 18.71 -16.09 -0.17
CA ASN A 84 20.08 -16.37 -0.56
C ASN A 84 20.46 -15.90 -1.96
N GLY A 85 21.38 -14.95 -2.02
CA GLY A 85 21.82 -14.43 -3.30
C GLY A 85 21.06 -13.23 -3.84
N ALA A 86 19.88 -12.95 -3.29
CA ALA A 86 19.08 -11.82 -3.76
C ALA A 86 19.85 -10.51 -3.66
N GLU A 87 19.69 -9.66 -4.67
CA GLU A 87 20.37 -8.37 -4.71
C GLU A 87 19.38 -7.25 -4.42
N ILE A 88 18.17 -7.65 -4.06
CA ILE A 88 17.11 -6.73 -3.68
C ILE A 88 16.05 -7.54 -2.97
N ILE A 89 15.58 -7.02 -1.85
CA ILE A 89 14.55 -7.71 -1.07
C ILE A 89 13.27 -6.87 -1.02
N LEU A 90 12.14 -7.50 -1.30
CA LEU A 90 10.86 -6.82 -1.26
C LEU A 90 9.99 -7.42 -0.17
N PHE A 91 9.29 -6.57 0.56
CA PHE A 91 8.40 -7.05 1.60
C PHE A 91 6.98 -6.64 1.29
N VAL A 92 6.14 -7.63 1.02
CA VAL A 92 4.75 -7.35 0.70
C VAL A 92 3.83 -8.21 1.57
N ILE A 93 4.30 -8.48 2.79
CA ILE A 93 3.56 -9.27 3.76
C ILE A 93 2.55 -8.36 4.45
N PRO A 94 1.32 -8.83 4.63
CA PRO A 94 0.32 -7.98 5.30
C PRO A 94 0.89 -7.43 6.61
N THR A 95 0.54 -6.19 6.91
CA THR A 95 1.00 -5.50 8.11
C THR A 95 0.91 -6.31 9.40
N GLN A 96 -0.23 -6.98 9.61
CA GLN A 96 -0.46 -7.78 10.81
C GLN A 96 0.48 -8.97 10.99
N PHE A 97 1.07 -9.46 9.89
CA PHE A 97 1.97 -10.61 10.00
C PHE A 97 3.43 -10.20 9.86
N LEU A 98 3.67 -8.95 9.49
CA LEU A 98 5.02 -8.43 9.30
C LEU A 98 5.98 -8.69 10.47
N ARG A 99 5.68 -8.13 11.63
CA ARG A 99 6.52 -8.27 12.82
C ARG A 99 6.78 -9.73 13.15
N GLY A 100 5.71 -10.52 13.19
CA GLY A 100 5.85 -11.94 13.48
C GLY A 100 6.86 -12.59 12.56
N PHE A 101 6.84 -12.24 11.28
CA PHE A 101 7.77 -12.81 10.33
C PHE A 101 9.21 -12.62 10.77
N PHE A 102 9.59 -11.38 11.06
CA PHE A 102 10.96 -11.10 11.49
C PHE A 102 11.36 -11.75 12.82
N GLU A 103 10.42 -11.81 13.75
CA GLU A 103 10.72 -12.41 15.04
C GLU A 103 10.93 -13.91 14.90
N LYS A 104 10.03 -14.54 14.14
CA LYS A 104 10.04 -15.98 13.91
C LYS A 104 10.99 -16.47 12.81
N SER A 105 11.18 -15.70 11.75
CA SER A 105 12.02 -16.18 10.66
C SER A 105 13.03 -15.21 10.02
N GLY A 106 13.06 -13.97 10.47
CA GLY A 106 13.97 -13.01 9.88
C GLY A 106 15.40 -13.11 10.38
N GLY A 107 15.62 -13.94 11.38
CA GLY A 107 16.94 -14.10 11.95
C GLY A 107 18.13 -13.97 11.02
N ASN A 108 18.30 -14.96 10.15
CA ASN A 108 19.41 -15.00 9.21
C ASN A 108 19.28 -13.97 8.10
N LEU A 109 18.07 -13.88 7.54
CA LEU A 109 17.78 -12.92 6.48
C LEU A 109 18.25 -11.52 6.88
N ILE A 110 17.94 -11.11 8.11
CA ILE A 110 18.36 -9.80 8.58
C ILE A 110 19.88 -9.71 8.53
N ALA A 111 20.52 -10.77 9.01
CA ALA A 111 21.97 -10.85 9.03
C ALA A 111 22.51 -10.65 7.63
N TYR A 112 21.96 -11.42 6.69
CA TYR A 112 22.35 -11.37 5.29
C TYR A 112 22.15 -9.97 4.74
N ALA A 113 20.99 -9.40 5.03
CA ALA A 113 20.65 -8.07 4.56
C ALA A 113 21.69 -7.04 5.00
N LYS A 114 21.99 -7.01 6.30
CA LYS A 114 22.97 -6.07 6.84
C LYS A 114 24.35 -6.40 6.27
N GLU A 115 24.67 -7.67 6.29
CA GLU A 115 25.94 -8.18 5.80
C GLU A 115 26.27 -7.67 4.41
N LYS A 116 25.44 -8.04 3.43
CA LYS A 116 25.66 -7.64 2.05
C LYS A 116 25.09 -6.29 1.65
N GLN A 117 24.53 -5.56 2.60
CA GLN A 117 23.97 -4.25 2.32
C GLN A 117 22.95 -4.29 1.19
N VAL A 118 22.05 -5.27 1.27
CA VAL A 118 21.01 -5.46 0.27
C VAL A 118 19.87 -4.45 0.43
N PRO A 119 19.48 -3.80 -0.68
CA PRO A 119 18.41 -2.80 -0.68
C PRO A 119 17.05 -3.46 -0.45
N VAL A 120 16.29 -2.92 0.50
CA VAL A 120 14.96 -3.43 0.84
C VAL A 120 13.87 -2.48 0.36
N LEU A 121 12.83 -3.04 -0.23
CA LEU A 121 11.73 -2.22 -0.72
C LEU A 121 10.43 -2.64 -0.02
N VAL A 122 9.91 -1.72 0.79
CA VAL A 122 8.68 -1.98 1.52
C VAL A 122 7.48 -1.70 0.63
N CYS A 123 6.68 -2.73 0.38
CA CYS A 123 5.51 -2.59 -0.46
C CYS A 123 4.22 -2.79 0.34
N THR A 124 4.37 -3.26 1.56
CA THR A 124 3.23 -3.49 2.42
C THR A 124 2.62 -2.13 2.75
N LYS A 125 1.32 -2.11 3.01
CA LYS A 125 0.63 -0.87 3.32
C LYS A 125 -0.36 -1.05 4.46
N GLY A 126 -0.35 -0.14 5.42
CA GLY A 126 -1.28 -0.23 6.53
C GLY A 126 -0.73 0.28 7.84
N ILE A 127 -1.47 0.00 8.92
CA ILE A 127 -1.06 0.41 10.26
C ILE A 127 -1.17 -0.79 11.20
N GLU A 128 -0.13 -1.01 11.99
CA GLU A 128 -0.10 -2.11 12.94
C GLU A 128 -0.92 -1.67 14.17
N ARG A 129 -1.91 -2.47 14.53
CA ARG A 129 -2.77 -2.14 15.67
C ARG A 129 -2.00 -1.89 16.97
N SER A 130 -1.18 -2.85 17.35
CA SER A 130 -0.41 -2.75 18.59
C SER A 130 0.47 -1.50 18.73
N THR A 131 1.21 -1.15 17.68
CA THR A 131 2.11 -0.01 17.74
C THR A 131 1.64 1.26 17.00
N LEU A 132 0.64 1.11 16.13
CA LEU A 132 0.14 2.22 15.32
C LEU A 132 1.27 2.71 14.44
N LYS A 133 2.14 1.78 14.04
CA LYS A 133 3.27 2.12 13.19
C LYS A 133 2.98 1.62 11.79
N PHE A 134 3.67 2.20 10.83
CA PHE A 134 3.49 1.82 9.42
C PHE A 134 4.53 0.76 9.09
N PRO A 135 4.32 0.04 7.96
CA PRO A 135 5.23 -1.01 7.49
C PRO A 135 6.73 -0.73 7.57
N ALA A 136 7.21 0.21 6.76
CA ALA A 136 8.64 0.54 6.74
C ALA A 136 9.17 0.90 8.12
N GLU A 137 8.29 1.35 9.00
CA GLU A 137 8.75 1.71 10.33
C GLU A 137 8.97 0.42 11.11
N ILE A 138 8.03 -0.51 10.95
CA ILE A 138 8.12 -1.79 11.62
C ILE A 138 9.38 -2.53 11.15
N ILE A 139 9.51 -2.69 9.85
CA ILE A 139 10.68 -3.36 9.31
C ILE A 139 11.92 -2.63 9.81
N GLY A 140 11.82 -1.31 9.94
CA GLY A 140 12.94 -0.50 10.41
C GLY A 140 13.43 -0.89 11.80
N GLU A 141 12.60 -1.62 12.53
CA GLU A 141 12.96 -2.07 13.83
C GLU A 141 13.96 -3.24 13.73
N PHE A 142 14.02 -3.86 12.56
CA PHE A 142 14.93 -4.98 12.34
C PHE A 142 16.04 -4.68 11.35
N LEU A 143 15.73 -3.88 10.35
CA LEU A 143 16.70 -3.51 9.33
C LEU A 143 16.91 -2.01 9.35
N PRO A 144 18.15 -1.56 9.24
CA PRO A 144 18.51 -0.14 9.24
C PRO A 144 17.77 0.69 8.18
N SER A 145 17.40 1.91 8.57
CA SER A 145 16.69 2.85 7.70
C SER A 145 17.36 3.05 6.35
N PRO A 146 18.67 3.31 6.35
CA PRO A 146 19.42 3.52 5.10
C PRO A 146 19.11 2.51 4.00
N LEU A 147 18.87 1.26 4.36
CA LEU A 147 18.56 0.22 3.40
C LEU A 147 17.09 0.23 2.98
N LEU A 148 16.24 0.85 3.79
CA LEU A 148 14.82 0.87 3.50
C LEU A 148 14.29 1.91 2.53
N SER A 149 13.38 1.46 1.68
CA SER A 149 12.72 2.29 0.67
C SER A 149 11.27 1.87 0.61
N VAL A 150 10.41 2.79 0.18
CA VAL A 150 8.99 2.52 0.09
C VAL A 150 8.47 2.67 -1.33
N LEU A 151 7.66 1.71 -1.76
CA LEU A 151 7.08 1.78 -3.09
C LEU A 151 5.60 2.07 -2.92
N ALA A 152 5.15 3.17 -3.50
CA ALA A 152 3.75 3.55 -3.38
C ALA A 152 3.30 4.28 -4.64
N GLY A 153 2.06 4.03 -5.04
CA GLY A 153 1.55 4.68 -6.24
C GLY A 153 0.31 3.95 -6.69
N PRO A 154 -0.40 4.50 -7.69
CA PRO A 154 -1.61 3.84 -8.17
C PRO A 154 -1.19 2.62 -8.97
N SER A 155 -1.26 1.47 -8.32
CA SER A 155 -0.83 0.23 -8.96
C SER A 155 -1.68 -1.00 -8.67
N PHE A 156 -2.82 -1.13 -9.35
CA PHE A 156 -3.65 -2.31 -9.15
C PHE A 156 -2.83 -3.52 -9.59
N ALA A 157 -2.75 -4.51 -8.71
CA ALA A 157 -1.98 -5.72 -8.95
C ALA A 157 -2.15 -6.33 -10.33
N ILE A 158 -3.39 -6.60 -10.71
CA ILE A 158 -3.65 -7.21 -11.99
C ILE A 158 -3.01 -6.43 -13.15
N GLU A 159 -3.29 -5.14 -13.24
CA GLU A 159 -2.74 -4.32 -14.30
C GLU A 159 -1.21 -4.34 -14.28
N VAL A 160 -0.63 -4.38 -13.09
CA VAL A 160 0.82 -4.40 -12.97
C VAL A 160 1.38 -5.76 -13.38
N ALA A 161 0.73 -6.83 -12.92
CA ALA A 161 1.15 -8.18 -13.25
C ALA A 161 1.08 -8.47 -14.75
N THR A 162 0.03 -7.99 -15.42
CA THR A 162 -0.10 -8.24 -16.85
C THR A 162 0.61 -7.19 -17.69
N GLY A 163 1.49 -6.42 -17.06
CA GLY A 163 2.26 -5.43 -17.78
C GLY A 163 1.59 -4.16 -18.32
N VAL A 164 0.38 -3.85 -17.87
CA VAL A 164 -0.31 -2.66 -18.35
C VAL A 164 0.30 -1.40 -17.72
N PHE A 165 0.55 -0.39 -18.54
CA PHE A 165 1.16 0.86 -18.08
C PHE A 165 0.81 1.31 -16.67
N THR A 166 1.82 1.38 -15.83
CA THR A 166 1.67 1.78 -14.44
C THR A 166 2.80 2.70 -13.99
N CYS A 167 2.47 3.63 -13.08
CA CYS A 167 3.46 4.55 -12.54
C CYS A 167 3.38 4.55 -11.03
N VAL A 168 4.51 4.37 -10.38
CA VAL A 168 4.56 4.39 -8.93
C VAL A 168 5.76 5.21 -8.55
N SER A 169 5.89 5.49 -7.25
CA SER A 169 7.02 6.26 -6.79
C SER A 169 7.82 5.43 -5.81
N ILE A 170 9.10 5.75 -5.70
CA ILE A 170 9.97 5.08 -4.76
C ILE A 170 10.42 6.16 -3.81
N ALA A 171 10.17 5.95 -2.51
CA ALA A 171 10.57 6.94 -1.54
C ALA A 171 11.66 6.40 -0.61
N SER A 172 12.68 7.23 -0.40
CA SER A 172 13.79 6.90 0.48
C SER A 172 14.35 8.20 1.07
N ALA A 173 14.89 8.12 2.29
CA ALA A 173 15.46 9.28 2.96
C ALA A 173 16.49 9.90 2.04
N ASP A 174 17.41 9.04 1.57
CA ASP A 174 18.45 9.46 0.64
C ASP A 174 17.87 9.30 -0.78
N ILE A 175 17.65 10.42 -1.45
CA ILE A 175 17.08 10.38 -2.80
C ILE A 175 17.88 9.47 -3.75
N ASN A 176 19.18 9.35 -3.51
CA ASN A 176 20.02 8.51 -4.35
C ASN A 176 19.68 7.06 -4.15
N VAL A 177 19.27 6.70 -2.93
CA VAL A 177 18.90 5.32 -2.67
C VAL A 177 17.63 5.01 -3.44
N ALA A 178 16.71 5.97 -3.44
CA ALA A 178 15.44 5.84 -4.15
C ALA A 178 15.70 5.68 -5.65
N ARG A 179 16.63 6.47 -6.17
CA ARG A 179 16.97 6.43 -7.58
C ARG A 179 17.61 5.14 -8.03
N ARG A 180 18.40 4.52 -7.17
CA ARG A 180 19.02 3.27 -7.54
C ARG A 180 17.88 2.28 -7.74
N LEU A 181 17.01 2.18 -6.74
CA LEU A 181 15.86 1.29 -6.78
C LEU A 181 15.00 1.63 -7.99
N GLN A 182 14.97 2.91 -8.34
CA GLN A 182 14.20 3.40 -9.46
C GLN A 182 14.69 2.75 -10.76
N ARG A 183 16.00 2.56 -10.86
CA ARG A 183 16.60 1.98 -12.04
C ARG A 183 16.47 0.46 -12.03
N ILE A 184 16.17 -0.11 -10.87
CA ILE A 184 16.00 -1.54 -10.77
C ILE A 184 14.56 -1.94 -11.03
N MET A 185 13.62 -1.14 -10.56
CA MET A 185 12.20 -1.45 -10.74
C MET A 185 11.60 -1.03 -12.07
N SER A 186 12.11 0.04 -12.66
CA SER A 186 11.60 0.49 -13.96
C SER A 186 11.93 -0.55 -15.02
N THR A 187 10.95 -0.92 -15.83
CA THR A 187 11.13 -1.94 -16.86
C THR A 187 11.61 -1.43 -18.23
N GLY A 188 12.20 -2.35 -18.99
CA GLY A 188 12.72 -2.02 -20.31
C GLY A 188 11.71 -1.52 -21.34
N ASP A 189 10.48 -2.01 -21.26
CA ASP A 189 9.46 -1.56 -22.19
C ASP A 189 8.70 -0.32 -21.68
N ARG A 190 9.19 0.28 -20.61
CA ARG A 190 8.58 1.47 -20.00
C ARG A 190 7.12 1.22 -19.60
N SER A 191 6.79 -0.03 -19.28
CA SER A 191 5.44 -0.39 -18.88
C SER A 191 5.24 -0.20 -17.38
N PHE A 192 6.36 -0.04 -16.67
CA PHE A 192 6.33 0.17 -15.22
C PHE A 192 7.34 1.30 -15.01
N VAL A 193 6.84 2.50 -14.71
CA VAL A 193 7.72 3.64 -14.52
C VAL A 193 7.76 4.12 -13.08
N CYS A 194 8.97 4.32 -12.58
CA CYS A 194 9.18 4.77 -11.21
C CYS A 194 9.65 6.20 -11.11
N TRP A 195 9.18 6.89 -10.08
CA TRP A 195 9.56 8.27 -9.82
C TRP A 195 10.09 8.35 -8.39
N ALA A 196 11.23 9.02 -8.24
CA ALA A 196 11.87 9.12 -6.94
C ALA A 196 11.38 10.27 -6.08
N THR A 197 11.28 9.99 -4.79
CA THR A 197 10.86 10.97 -3.80
C THR A 197 11.47 10.60 -2.46
N THR A 198 11.49 11.55 -1.54
CA THR A 198 12.06 11.32 -0.22
C THR A 198 10.98 11.10 0.84
N ASP A 199 9.77 11.56 0.54
CA ASP A 199 8.64 11.49 1.46
C ASP A 199 8.13 10.10 1.86
N THR A 200 8.98 9.33 2.53
CA THR A 200 8.58 8.00 2.96
C THR A 200 7.36 8.05 3.84
N VAL A 201 7.33 8.99 4.79
CA VAL A 201 6.19 9.11 5.70
C VAL A 201 4.90 9.38 4.95
N GLY A 202 4.94 10.39 4.07
CA GLY A 202 3.77 10.72 3.28
C GLY A 202 3.26 9.50 2.54
N CYS A 203 4.16 8.78 1.89
CA CYS A 203 3.79 7.59 1.13
C CYS A 203 3.08 6.57 1.98
N GLU A 204 3.63 6.30 3.16
CA GLU A 204 3.03 5.32 4.04
C GLU A 204 1.67 5.77 4.56
N VAL A 205 1.57 7.02 4.97
CA VAL A 205 0.30 7.54 5.47
C VAL A 205 -0.74 7.40 4.38
N ALA A 206 -0.43 7.92 3.20
CA ALA A 206 -1.34 7.84 2.05
C ALA A 206 -1.80 6.41 1.74
N SER A 207 -0.86 5.48 1.69
CA SER A 207 -1.17 4.09 1.38
C SER A 207 -2.17 3.49 2.36
N ALA A 208 -2.14 3.94 3.60
CA ALA A 208 -3.04 3.42 4.62
C ALA A 208 -4.39 4.15 4.61
N VAL A 209 -4.36 5.46 4.77
CA VAL A 209 -5.58 6.24 4.76
C VAL A 209 -6.45 6.03 3.52
N LYS A 210 -5.82 5.90 2.35
CA LYS A 210 -6.57 5.70 1.13
C LYS A 210 -7.68 4.65 1.26
N ASN A 211 -7.39 3.54 1.94
CA ASN A 211 -8.37 2.47 2.09
C ASN A 211 -9.59 2.91 2.88
N VAL A 212 -9.37 3.72 3.91
CA VAL A 212 -10.49 4.21 4.73
C VAL A 212 -11.37 5.12 3.89
N LEU A 213 -10.73 6.07 3.22
CA LEU A 213 -11.43 7.01 2.36
C LEU A 213 -12.17 6.29 1.23
N ALA A 214 -11.65 5.14 0.81
CA ALA A 214 -12.26 4.39 -0.27
C ALA A 214 -13.64 3.93 0.18
N ILE A 215 -13.72 3.57 1.46
CA ILE A 215 -14.98 3.13 2.02
C ILE A 215 -15.98 4.28 1.99
N GLY A 216 -15.49 5.50 2.24
CA GLY A 216 -16.37 6.65 2.21
C GLY A 216 -16.87 6.86 0.79
N SER A 217 -15.98 6.65 -0.17
CA SER A 217 -16.33 6.80 -1.57
C SER A 217 -17.47 5.82 -1.87
N GLY A 218 -17.40 4.65 -1.25
CA GLY A 218 -18.44 3.66 -1.43
C GLY A 218 -19.68 4.12 -0.71
N VAL A 219 -19.51 4.68 0.49
CA VAL A 219 -20.66 5.14 1.25
C VAL A 219 -21.42 6.18 0.46
N ALA A 220 -20.69 7.11 -0.14
CA ALA A 220 -21.28 8.17 -0.93
C ALA A 220 -22.13 7.60 -2.05
N ASN A 221 -21.64 6.54 -2.69
CA ASN A 221 -22.38 5.92 -3.77
C ASN A 221 -23.66 5.27 -3.29
N GLY A 222 -23.54 4.36 -2.33
CA GLY A 222 -24.71 3.68 -1.80
C GLY A 222 -25.71 4.67 -1.23
N LEU A 223 -25.21 5.84 -0.89
CA LEU A 223 -26.04 6.90 -0.33
C LEU A 223 -26.77 7.67 -1.43
N GLY A 224 -26.55 7.27 -2.68
CA GLY A 224 -27.21 7.93 -3.79
C GLY A 224 -26.49 9.09 -4.47
N MET A 225 -25.31 9.45 -3.98
CA MET A 225 -24.57 10.56 -4.57
C MET A 225 -23.87 10.13 -5.85
N GLY A 226 -23.38 11.09 -6.62
CA GLY A 226 -22.75 10.75 -7.88
C GLY A 226 -21.27 11.05 -7.99
N LEU A 227 -20.79 11.24 -9.21
CA LEU A 227 -19.39 11.51 -9.47
C LEU A 227 -18.86 12.81 -8.92
N ASN A 228 -19.72 13.83 -8.87
CA ASN A 228 -19.30 15.11 -8.34
C ASN A 228 -18.90 14.87 -6.89
N ALA A 229 -19.76 14.14 -6.19
CA ALA A 229 -19.54 13.80 -4.79
C ALA A 229 -18.22 13.11 -4.57
N ARG A 230 -17.88 12.19 -5.48
CA ARG A 230 -16.64 11.43 -5.38
C ARG A 230 -15.42 12.31 -5.57
N ALA A 231 -15.48 13.18 -6.57
CA ALA A 231 -14.36 14.07 -6.83
C ALA A 231 -14.12 14.96 -5.61
N ALA A 232 -15.18 15.31 -4.90
CA ALA A 232 -15.05 16.16 -3.73
C ALA A 232 -14.45 15.37 -2.55
N LEU A 233 -14.84 14.12 -2.43
CA LEU A 233 -14.33 13.30 -1.34
C LEU A 233 -12.84 13.10 -1.54
N ILE A 234 -12.47 12.85 -2.79
CA ILE A 234 -11.08 12.64 -3.12
C ILE A 234 -10.26 13.88 -2.81
N MET A 235 -10.77 15.04 -3.21
CA MET A 235 -10.04 16.27 -2.99
C MET A 235 -9.98 16.67 -1.53
N ARG A 236 -11.07 16.46 -0.80
CA ARG A 236 -11.11 16.83 0.62
C ARG A 236 -10.35 15.83 1.46
N GLY A 237 -10.51 14.55 1.12
CA GLY A 237 -9.82 13.54 1.88
C GLY A 237 -8.32 13.67 1.76
N LEU A 238 -7.86 14.20 0.65
CA LEU A 238 -6.42 14.34 0.46
C LEU A 238 -5.80 15.27 1.50
N LEU A 239 -6.56 16.26 1.96
CA LEU A 239 -6.01 17.17 2.97
C LEU A 239 -5.83 16.41 4.29
N GLU A 240 -6.67 15.42 4.54
CA GLU A 240 -6.56 14.63 5.76
C GLU A 240 -5.24 13.84 5.76
N ILE A 241 -4.89 13.30 4.59
CA ILE A 241 -3.65 12.56 4.46
C ILE A 241 -2.52 13.57 4.63
N ARG A 242 -2.72 14.77 4.11
CA ARG A 242 -1.72 15.82 4.23
C ARG A 242 -1.45 16.16 5.70
N ASP A 243 -2.51 16.42 6.44
CA ASP A 243 -2.36 16.80 7.84
C ASP A 243 -1.78 15.69 8.69
N LEU A 244 -2.19 14.46 8.47
CA LEU A 244 -1.63 13.38 9.28
C LEU A 244 -0.15 13.23 8.96
N THR A 245 0.21 13.49 7.72
CA THR A 245 1.59 13.38 7.31
C THR A 245 2.42 14.43 8.03
N ALA A 246 1.91 15.65 8.05
CA ALA A 246 2.61 16.74 8.72
C ALA A 246 2.86 16.38 10.18
N ALA A 247 1.82 15.88 10.84
CA ALA A 247 1.91 15.50 12.24
C ALA A 247 2.96 14.41 12.50
N LEU A 248 3.13 13.49 11.55
CA LEU A 248 4.09 12.41 11.72
C LEU A 248 5.50 12.76 11.28
N GLY A 249 5.74 14.02 10.93
CA GLY A 249 7.07 14.43 10.53
C GLY A 249 7.42 14.35 9.06
N GLY A 250 6.52 13.82 8.23
CA GLY A 250 6.79 13.74 6.81
C GLY A 250 6.88 15.11 6.15
N ASP A 251 7.68 15.22 5.09
CA ASP A 251 7.83 16.50 4.42
C ASP A 251 6.65 16.77 3.50
N GLY A 252 5.82 15.74 3.30
CA GLY A 252 4.64 15.87 2.47
C GLY A 252 4.77 16.08 0.97
N SER A 253 5.96 15.90 0.42
CA SER A 253 6.13 16.10 -1.02
C SER A 253 5.44 15.02 -1.85
N ALA A 254 5.06 13.94 -1.19
CA ALA A 254 4.38 12.82 -1.85
C ALA A 254 2.86 12.92 -1.82
N VAL A 255 2.34 13.75 -0.93
CA VAL A 255 0.89 13.91 -0.78
C VAL A 255 0.15 14.16 -2.09
N PHE A 256 0.69 15.05 -2.92
CA PHE A 256 0.06 15.37 -4.18
C PHE A 256 0.74 14.64 -5.32
N GLY A 257 1.55 13.66 -4.97
CA GLY A 257 2.24 12.88 -5.98
C GLY A 257 1.50 11.60 -6.24
N LEU A 258 2.18 10.63 -6.85
CA LEU A 258 1.57 9.35 -7.17
C LEU A 258 1.14 8.59 -5.93
N ALA A 259 1.95 8.66 -4.89
CA ALA A 259 1.65 7.96 -3.64
C ALA A 259 0.35 8.46 -3.00
N GLY A 260 0.10 9.75 -3.08
CA GLY A 260 -1.10 10.31 -2.51
C GLY A 260 -2.22 10.52 -3.51
N LEU A 261 -2.23 11.68 -4.14
CA LEU A 261 -3.25 11.98 -5.12
C LEU A 261 -3.48 10.78 -6.03
N GLY A 262 -2.41 10.30 -6.67
CA GLY A 262 -2.52 9.18 -7.57
C GLY A 262 -3.26 7.98 -7.03
N ASP A 263 -2.65 7.27 -6.10
CA ASP A 263 -3.23 6.08 -5.50
C ASP A 263 -4.62 6.37 -4.93
N LEU A 264 -4.78 7.55 -4.33
CA LEU A 264 -6.06 7.92 -3.74
C LEU A 264 -7.19 7.92 -4.78
N GLN A 265 -6.97 8.61 -5.89
CA GLN A 265 -7.97 8.69 -6.93
C GLN A 265 -8.26 7.28 -7.47
N LEU A 266 -7.22 6.48 -7.66
CA LEU A 266 -7.40 5.13 -8.16
C LEU A 266 -8.25 4.30 -7.22
N THR A 267 -7.79 4.18 -5.98
CA THR A 267 -8.47 3.39 -4.98
C THR A 267 -9.92 3.77 -4.73
N CYS A 268 -10.23 5.07 -4.87
CA CYS A 268 -11.58 5.57 -4.64
C CYS A 268 -12.51 5.45 -5.85
N SER A 269 -11.94 5.20 -7.02
CA SER A 269 -12.71 5.05 -8.24
C SER A 269 -12.89 3.59 -8.59
N SER A 270 -12.33 2.71 -7.77
CA SER A 270 -12.43 1.28 -7.99
C SER A 270 -13.76 0.80 -7.44
N GLU A 271 -14.79 0.84 -8.27
CA GLU A 271 -16.13 0.44 -7.84
C GLU A 271 -16.27 -1.02 -7.44
N LEU A 272 -15.34 -1.87 -7.87
CA LEU A 272 -15.43 -3.28 -7.53
C LEU A 272 -14.60 -3.67 -6.32
N SER A 273 -13.77 -2.75 -5.85
CA SER A 273 -12.93 -3.01 -4.68
C SER A 273 -13.77 -3.33 -3.46
N ARG A 274 -13.22 -4.16 -2.58
CA ARG A 274 -13.94 -4.54 -1.38
C ARG A 274 -14.24 -3.30 -0.55
N ASN A 275 -13.32 -2.33 -0.55
CA ASN A 275 -13.53 -1.10 0.20
C ASN A 275 -14.80 -0.41 -0.29
N PHE A 276 -14.88 -0.22 -1.60
CA PHE A 276 -16.03 0.43 -2.20
C PHE A 276 -17.34 -0.31 -1.90
N THR A 277 -17.36 -1.60 -2.23
CA THR A 277 -18.56 -2.41 -2.01
C THR A 277 -18.99 -2.42 -0.55
N VAL A 278 -18.04 -2.55 0.37
CA VAL A 278 -18.39 -2.54 1.78
C VAL A 278 -19.04 -1.21 2.11
N GLY A 279 -18.40 -0.12 1.68
CA GLY A 279 -18.92 1.21 1.93
C GLY A 279 -20.28 1.42 1.27
N LYS A 280 -20.44 0.91 0.07
CA LYS A 280 -21.70 1.03 -0.65
C LYS A 280 -22.82 0.39 0.16
N LYS A 281 -22.57 -0.81 0.68
CA LYS A 281 -23.57 -1.51 1.47
C LYS A 281 -23.90 -0.71 2.72
N LEU A 282 -22.89 -0.07 3.31
CA LEU A 282 -23.12 0.74 4.48
C LEU A 282 -23.95 1.96 4.07
N GLY A 283 -23.62 2.50 2.90
CA GLY A 283 -24.34 3.65 2.39
C GLY A 283 -25.79 3.31 2.18
N LYS A 284 -26.06 2.04 1.88
CA LYS A 284 -27.43 1.59 1.66
C LYS A 284 -28.09 1.14 2.95
N GLY A 285 -27.38 1.32 4.07
CA GLY A 285 -27.94 0.96 5.35
C GLY A 285 -27.59 -0.38 5.98
N LEU A 286 -27.06 -1.32 5.21
CA LEU A 286 -26.70 -2.62 5.76
C LEU A 286 -25.69 -2.47 6.89
N PRO A 287 -25.98 -3.06 8.06
CA PRO A 287 -25.08 -2.99 9.22
C PRO A 287 -23.75 -3.67 8.90
N ILE A 288 -22.67 -3.22 9.53
CA ILE A 288 -21.36 -3.80 9.29
C ILE A 288 -21.35 -5.29 9.59
N GLU A 289 -21.97 -5.68 10.70
CA GLU A 289 -22.02 -7.08 11.10
C GLU A 289 -22.55 -7.92 9.95
N GLU A 290 -23.72 -7.52 9.45
CA GLU A 290 -24.36 -8.20 8.34
C GLU A 290 -23.41 -8.38 7.16
N ILE A 291 -22.79 -7.28 6.74
CA ILE A 291 -21.88 -7.30 5.61
C ILE A 291 -20.80 -8.37 5.75
N GLN A 292 -19.72 -8.02 6.43
CA GLN A 292 -18.59 -8.93 6.65
C GLN A 292 -18.39 -9.96 5.51
N ARG A 293 -18.40 -11.24 5.83
CA ARG A 293 -18.22 -12.32 4.84
C ARG A 293 -16.83 -12.33 4.22
N ALA A 297 -13.07 -12.51 4.85
CA ALA A 297 -12.70 -11.53 3.78
C ALA A 297 -13.02 -10.09 4.20
N VAL A 298 -12.13 -9.47 4.98
CA VAL A 298 -12.30 -8.10 5.46
C VAL A 298 -11.66 -7.05 4.55
N ALA A 299 -12.28 -5.88 4.46
CA ALA A 299 -11.76 -4.79 3.64
C ALA A 299 -10.67 -4.03 4.38
N GLU A 300 -9.55 -3.78 3.70
CA GLU A 300 -8.43 -3.07 4.31
C GLU A 300 -8.90 -1.80 5.02
N GLY A 301 -9.76 -1.04 4.34
CA GLY A 301 -10.27 0.18 4.92
C GLY A 301 -10.90 -0.01 6.29
N VAL A 302 -11.64 -1.09 6.45
CA VAL A 302 -12.29 -1.39 7.70
C VAL A 302 -11.28 -1.64 8.81
N ALA A 303 -10.33 -2.52 8.53
CA ALA A 303 -9.30 -2.85 9.49
C ALA A 303 -8.51 -1.61 9.89
N THR A 304 -8.15 -0.82 8.89
CA THR A 304 -7.37 0.39 9.08
C THR A 304 -8.06 1.53 9.83
N ALA A 305 -9.37 1.63 9.66
CA ALA A 305 -10.14 2.70 10.29
C ALA A 305 -9.92 2.89 11.80
N ASP A 306 -10.00 1.82 12.56
CA ASP A 306 -9.82 1.95 13.99
C ASP A 306 -8.48 2.55 14.40
N PRO A 307 -7.37 1.87 14.07
CA PRO A 307 -6.05 2.41 14.44
C PRO A 307 -5.75 3.78 13.84
N LEU A 308 -6.29 4.05 12.65
CA LEU A 308 -6.07 5.34 12.04
C LEU A 308 -6.65 6.40 12.95
N MET A 309 -7.84 6.10 13.45
CA MET A 309 -8.54 7.01 14.35
C MET A 309 -7.75 7.20 15.65
N ARG A 310 -7.21 6.12 16.18
CA ARG A 310 -6.44 6.18 17.41
C ARG A 310 -5.15 6.96 17.24
N LEU A 311 -4.52 6.80 16.07
CA LEU A 311 -3.28 7.51 15.78
C LEU A 311 -3.59 9.01 15.64
N ALA A 312 -4.62 9.33 14.87
CA ALA A 312 -5.02 10.70 14.65
C ALA A 312 -5.32 11.39 15.97
N LYS A 313 -6.09 10.71 16.82
CA LYS A 313 -6.46 11.26 18.11
C LYS A 313 -5.21 11.51 18.93
N GLN A 314 -4.35 10.51 18.99
CA GLN A 314 -3.10 10.60 19.73
C GLN A 314 -2.28 11.79 19.26
N LEU A 315 -2.34 12.07 17.97
CA LEU A 315 -1.57 13.18 17.39
C LEU A 315 -2.36 14.48 17.32
N LYS A 316 -3.58 14.46 17.83
CA LYS A 316 -4.43 15.63 17.81
C LYS A 316 -4.63 16.15 16.39
N VAL A 317 -4.73 15.23 15.43
CA VAL A 317 -4.96 15.59 14.04
C VAL A 317 -6.42 15.35 13.68
N LYS A 318 -7.09 16.34 13.12
CA LYS A 318 -8.49 16.19 12.75
C LYS A 318 -8.66 15.70 11.32
N MET A 319 -9.32 14.55 11.19
CA MET A 319 -9.57 13.91 9.89
C MET A 319 -11.08 13.71 9.78
N PRO A 320 -11.81 14.77 9.45
CA PRO A 320 -13.27 14.79 9.29
C PRO A 320 -13.86 13.57 8.60
N LEU A 321 -13.55 13.41 7.32
CA LEU A 321 -14.06 12.28 6.56
C LEU A 321 -13.69 10.94 7.19
N CYS A 322 -12.41 10.75 7.48
CA CYS A 322 -11.97 9.50 8.07
C CYS A 322 -12.68 9.20 9.38
N HIS A 323 -12.90 10.25 10.17
CA HIS A 323 -13.57 10.04 11.44
C HIS A 323 -15.00 9.54 11.26
N GLN A 324 -15.77 10.21 10.41
CA GLN A 324 -17.14 9.81 10.16
C GLN A 324 -17.15 8.39 9.60
N ILE A 325 -16.20 8.09 8.73
CA ILE A 325 -16.15 6.75 8.16
C ILE A 325 -15.92 5.75 9.27
N TYR A 326 -15.14 6.15 10.28
CA TYR A 326 -14.88 5.27 11.40
C TYR A 326 -16.15 5.04 12.20
N GLU A 327 -16.91 6.09 12.42
CA GLU A 327 -18.17 6.01 13.17
C GLU A 327 -19.14 5.06 12.48
N ILE A 328 -19.38 5.31 11.19
CA ILE A 328 -20.29 4.48 10.43
C ILE A 328 -19.93 3.01 10.55
N VAL A 329 -18.65 2.72 10.44
CA VAL A 329 -18.16 1.35 10.51
C VAL A 329 -18.19 0.73 11.90
N TYR A 330 -17.50 1.36 12.84
CA TYR A 330 -17.40 0.83 14.19
C TYR A 330 -18.46 1.24 15.19
N LYS A 331 -19.22 2.29 14.91
CA LYS A 331 -20.22 2.70 15.89
C LYS A 331 -21.65 2.83 15.35
N LYS A 332 -21.99 1.98 14.40
CA LYS A 332 -23.32 1.95 13.82
C LYS A 332 -23.93 3.32 13.52
N LYS A 333 -23.12 4.30 13.15
CA LYS A 333 -23.65 5.62 12.85
C LYS A 333 -24.35 5.66 11.51
N ASN A 334 -25.49 6.35 11.46
CA ASN A 334 -26.24 6.45 10.22
C ASN A 334 -25.43 7.30 9.25
N PRO A 335 -25.13 6.74 8.05
CA PRO A 335 -24.36 7.44 7.01
C PRO A 335 -24.87 8.83 6.75
N ARG A 336 -26.19 8.98 6.74
CA ARG A 336 -26.80 10.28 6.48
C ARG A 336 -26.54 11.25 7.63
N ASP A 337 -26.60 10.77 8.85
CA ASP A 337 -26.35 11.63 10.00
C ASP A 337 -24.90 12.06 9.95
N ALA A 338 -24.04 11.12 9.56
CA ALA A 338 -22.62 11.38 9.45
C ALA A 338 -22.37 12.48 8.43
N LEU A 339 -23.00 12.32 7.27
CA LEU A 339 -22.87 13.31 6.20
C LEU A 339 -23.28 14.69 6.69
N ALA A 340 -24.39 14.76 7.41
CA ALA A 340 -24.89 16.02 7.93
C ALA A 340 -23.94 16.61 8.97
N ASP A 341 -23.45 15.78 9.87
CA ASP A 341 -22.51 16.24 10.88
C ASP A 341 -21.31 16.82 10.17
N LEU A 342 -20.90 16.15 9.11
CA LEU A 342 -19.76 16.56 8.32
C LEU A 342 -19.98 17.95 7.74
N LEU A 343 -21.17 18.17 7.19
CA LEU A 343 -21.50 19.44 6.57
C LEU A 343 -21.94 20.53 7.53
N SER A 344 -22.02 20.20 8.81
CA SER A 344 -22.44 21.15 9.84
C SER A 344 -21.39 22.22 10.10
N CYS A 345 -20.20 22.01 9.55
CA CYS A 345 -19.07 22.94 9.71
C CYS A 345 -19.37 24.35 9.20
N GLY A 346 -20.37 24.49 8.34
CA GLY A 346 -20.68 25.79 7.80
C GLY A 346 -19.79 26.13 6.62
N LEU A 347 -20.04 27.30 6.01
CA LEU A 347 -19.26 27.74 4.86
C LEU A 347 -17.82 28.08 5.24
N GLN A 348 -16.87 27.46 4.55
CA GLN A 348 -15.46 27.70 4.82
C GLN A 348 -14.67 28.00 3.56
N ASP A 349 -13.39 28.31 3.73
CA ASP A 349 -12.52 28.57 2.60
C ASP A 349 -11.97 27.21 2.22
N GLU A 350 -11.41 27.11 1.03
CA GLU A 350 -10.87 25.82 0.59
C GLU A 350 -9.74 25.39 1.53
N GLY A 351 -9.07 26.35 2.14
CA GLY A 351 -8.00 26.04 3.07
C GLY A 351 -6.72 25.46 2.47
N LEU A 352 -6.33 25.99 1.31
CA LEU A 352 -5.11 25.53 0.67
C LEU A 352 -4.19 26.72 0.54
N PRO A 353 -2.92 26.56 0.94
CA PRO A 353 -1.98 27.67 0.84
C PRO A 353 -1.63 27.93 -0.60
N PRO A 354 -1.15 29.13 -0.91
CA PRO A 354 -0.80 29.41 -2.29
C PRO A 354 0.54 28.71 -2.53
N LEU A 355 0.85 28.45 -3.78
CA LEU A 355 2.09 27.79 -4.11
C LEU A 355 3.08 28.83 -4.59
N PHE A 356 2.56 29.95 -5.08
CA PHE A 356 3.40 31.01 -5.61
C PHE A 356 3.11 32.34 -4.93
N LYS A 357 4.17 32.97 -4.46
CA LYS A 357 4.07 34.26 -3.78
C LYS A 357 4.26 35.39 -4.80
PA NAD B . -3.15 -10.93 -0.28
O1A NAD B . -4.23 -10.58 0.70
O2A NAD B . -3.50 -11.61 -1.61
O5B NAD B . -2.04 -11.73 0.53
C5B NAD B . -2.17 -13.02 1.19
C4B NAD B . -0.84 -13.21 1.80
O4B NAD B . -0.97 -13.27 3.25
C3B NAD B . -0.06 -14.51 1.42
O3B NAD B . 1.38 -14.19 1.28
C2B NAD B . -0.36 -15.47 2.52
O2B NAD B . 0.41 -16.61 2.65
C1B NAD B . -0.35 -14.40 3.68
N9A NAD B . -1.08 -14.82 4.83
C8A NAD B . -2.43 -15.04 5.02
N7A NAD B . -2.75 -15.43 6.24
C5A NAD B . -1.55 -15.49 6.92
C6A NAD B . -1.23 -15.87 8.36
N6A NAD B . -2.09 -16.25 9.27
N1A NAD B . 0.17 -15.80 8.67
C2A NAD B . 1.14 -15.43 7.83
N3A NAD B . 0.86 -15.07 6.48
C4A NAD B . -0.52 -15.12 6.07
O3 NAD B . -2.16 -9.76 -0.58
PN NAD B . -1.97 -8.58 -1.67
O1N NAD B . -3.05 -8.65 -2.61
O2N NAD B . -0.57 -8.72 -2.14
O5D NAD B . -2.02 -7.29 -0.77
C5D NAD B . -1.57 -7.28 0.62
C4D NAD B . -0.58 -6.20 0.90
O4D NAD B . -0.33 -5.49 -0.41
C3D NAD B . -1.11 -4.98 1.79
O3D NAD B . 0.01 -4.52 2.42
C2D NAD B . -1.72 -4.01 0.75
O2D NAD B . -1.91 -2.73 1.25
C1D NAD B . -0.66 -4.13 -0.34
N1N NAD B . -1.08 -3.68 -1.74
C2N NAD B . -2.00 -4.45 -2.53
C3N NAD B . -2.28 -3.89 -3.77
C7N NAD B . -3.29 -4.80 -4.56
O7N NAD B . -3.63 -4.42 -5.70
N7N NAD B . -3.76 -5.98 -3.94
C4N NAD B . -1.73 -2.68 -4.29
C5N NAD B . -0.81 -2.00 -3.39
C6N NAD B . -0.49 -2.49 -2.12
C1 MYS C . -15.68 19.30 8.52
C2 MYS C . -15.14 19.98 7.27
C3 MYS C . -15.74 19.73 5.88
C4 MYS C . -15.81 18.34 5.28
C5 MYS C . -16.39 18.37 3.89
C6 MYS C . -16.61 17.06 3.15
C7 MYS C . -17.11 17.13 1.73
C8 MYS C . -17.39 15.84 0.96
C9 MYS C . -18.41 14.82 1.41
C10 MYS C . -18.31 13.67 0.41
C11 MYS C . -19.24 12.46 0.45
C12 MYS C . -19.21 11.77 1.80
C13 MYS C . -20.11 10.54 1.80
C14 MYS C . -20.23 9.81 3.12
C15 MYS C . -19.05 9.21 3.90
#